data_8JKN
#
_entry.id   8JKN
#
_cell.length_a   118.642
_cell.length_b   118.642
_cell.length_c   154.647
_cell.angle_alpha   90.00
_cell.angle_beta   90.00
_cell.angle_gamma   120.00
#
_symmetry.space_group_name_H-M   'P 31 2 1'
#
loop_
_entity.id
_entity.type
_entity.pdbx_description
1 polymer GAAA-Forward
2 polymer GAAA-Reverse
3 polymer 'Interferon regulatory factor 4'
4 water water
#
loop_
_entity_poly.entity_id
_entity_poly.type
_entity_poly.pdbx_seq_one_letter_code
_entity_poly.pdbx_strand_id
1 'polydeoxyribonucleotide' (DC)(DA)(DA)(DC)(DT)(DG)(DA)(DA)(DA)(DC)(DC)(DG)(DA)(DG)(DA)(DA)(DA)(DC)(DC) A,E
2 'polydeoxyribonucleotide' (DG)(DG)(DT)(DT)(DT)(DC)(DT)(DC)(DG)(DG)(DT)(DT)(DT)(DC)(DA)(DG)(DT)(DT)(DG) B,F
3 'polypeptide(L)'
;GNGKLRQWLIDQIDSGKYPGLVWENEEKSIFRIPWKHAGKQDYNREEDAALFKAWALFKGKFREGIDKPDPPTWKRRLRC
ALNKSNDFEELVERSQLDISDPYKVYRIVPEGAKKG
;
C,D,G,H
#
loop_
_chem_comp.id
_chem_comp.type
_chem_comp.name
_chem_comp.formula
DA DNA linking 2'-DEOXYADENOSINE-5'-MONOPHOSPHATE 'C10 H14 N5 O6 P'
DC DNA linking 2'-DEOXYCYTIDINE-5'-MONOPHOSPHATE 'C9 H14 N3 O7 P'
DG DNA linking 2'-DEOXYGUANOSINE-5'-MONOPHOSPHATE 'C10 H14 N5 O7 P'
DT DNA linking THYMIDINE-5'-MONOPHOSPHATE 'C10 H15 N2 O8 P'
#
# COMPACT_ATOMS: atom_id res chain seq x y z
N ASN C 2 12.83 13.50 -9.98
CA ASN C 2 13.76 12.88 -10.91
C ASN C 2 15.07 12.56 -10.19
N GLY C 3 15.69 11.46 -10.60
CA GLY C 3 17.01 11.09 -10.11
C GLY C 3 17.11 11.03 -8.61
N LYS C 4 16.40 10.09 -8.00
CA LYS C 4 16.48 9.87 -6.56
C LYS C 4 17.38 8.70 -6.20
N LEU C 5 17.51 7.71 -7.07
CA LEU C 5 18.16 6.45 -6.70
C LEU C 5 19.65 6.63 -6.42
N ARG C 6 20.36 7.31 -7.33
CA ARG C 6 21.80 7.44 -7.17
C ARG C 6 22.17 8.11 -5.85
N GLN C 7 21.64 9.30 -5.60
CA GLN C 7 21.97 10.01 -4.37
C GLN C 7 21.53 9.23 -3.14
N TRP C 8 20.36 8.57 -3.23
CA TRP C 8 19.86 7.80 -2.09
C TRP C 8 20.80 6.66 -1.73
N LEU C 9 21.29 5.93 -2.74
CA LEU C 9 22.21 4.83 -2.47
C LEU C 9 23.55 5.34 -1.98
N ILE C 10 24.01 6.49 -2.46
CA ILE C 10 25.25 7.04 -1.96
C ILE C 10 25.14 7.36 -0.47
N ASP C 11 24.01 7.99 -0.10
CA ASP C 11 23.80 8.29 1.31
C ASP C 11 23.68 7.02 2.13
N GLN C 12 23.03 6.00 1.58
CA GLN C 12 22.90 4.75 2.32
C GLN C 12 24.27 4.13 2.57
N ILE C 13 25.13 4.09 1.55
CA ILE C 13 26.46 3.52 1.69
C ILE C 13 27.25 4.28 2.74
N ASP C 14 27.24 5.62 2.64
CA ASP C 14 27.94 6.46 3.59
C ASP C 14 27.31 6.39 4.98
N SER C 15 26.11 5.85 5.10
CA SER C 15 25.42 5.89 6.39
C SER C 15 26.02 4.90 7.37
N GLY C 16 26.66 3.83 6.87
CA GLY C 16 27.17 2.78 7.72
C GLY C 16 26.12 1.98 8.46
N LYS C 17 24.83 2.23 8.20
CA LYS C 17 23.77 1.49 8.87
C LYS C 17 23.64 0.06 8.35
N TYR C 18 24.31 -0.27 7.26
CA TYR C 18 24.14 -1.54 6.55
C TYR C 18 25.46 -2.29 6.51
N PRO C 19 25.63 -3.34 7.32
CA PRO C 19 26.91 -4.07 7.31
C PRO C 19 27.07 -4.86 6.01
N GLY C 20 28.24 -4.71 5.39
CA GLY C 20 28.51 -5.29 4.09
C GLY C 20 28.31 -4.32 2.94
N LEU C 21 27.67 -3.16 3.20
CA LEU C 21 27.46 -2.14 2.18
C LEU C 21 28.59 -1.13 2.35
N VAL C 22 29.65 -1.30 1.56
CA VAL C 22 30.88 -0.57 1.79
C VAL C 22 31.50 -0.17 0.46
N TRP C 23 32.20 0.95 0.47
CA TRP C 23 33.02 1.34 -0.66
C TRP C 23 34.19 0.38 -0.82
N GLU C 24 34.69 0.27 -2.04
CA GLU C 24 35.82 -0.60 -2.29
C GLU C 24 37.02 0.11 -2.88
N ASN C 25 36.92 1.42 -3.15
CA ASN C 25 38.07 2.22 -3.55
C ASN C 25 38.01 3.54 -2.79
N GLU C 26 39.08 4.34 -2.90
CA GLU C 26 39.12 5.61 -2.17
C GLU C 26 38.28 6.69 -2.84
N GLU C 27 38.17 6.66 -4.18
CA GLU C 27 37.43 7.67 -4.92
C GLU C 27 35.92 7.57 -4.74
N LYS C 28 35.44 6.51 -4.07
CA LYS C 28 34.00 6.29 -3.87
C LYS C 28 33.29 6.06 -5.21
N SER C 29 33.91 5.29 -6.10
CA SER C 29 33.37 4.98 -7.41
C SER C 29 32.82 3.57 -7.54
N ILE C 30 33.28 2.65 -6.70
CA ILE C 30 32.90 1.25 -6.76
C ILE C 30 32.42 0.83 -5.37
N PHE C 31 31.38 0.01 -5.32
CA PHE C 31 30.93 -0.46 -4.03
C PHE C 31 30.43 -1.89 -4.11
N ARG C 32 30.45 -2.54 -2.96
CA ARG C 32 30.02 -3.91 -2.78
C ARG C 32 28.69 -3.89 -2.04
N ILE C 33 27.78 -4.79 -2.40
CA ILE C 33 26.47 -4.87 -1.79
C ILE C 33 26.11 -6.33 -1.50
N PRO C 34 25.82 -6.70 -0.25
CA PRO C 34 25.50 -8.10 0.03
C PRO C 34 24.28 -8.57 -0.74
N TRP C 35 24.29 -9.84 -1.13
CA TRP C 35 23.24 -10.44 -1.95
C TRP C 35 23.02 -11.86 -1.46
N LYS C 36 22.37 -11.99 -0.30
CA LYS C 36 22.09 -13.30 0.27
C LYS C 36 20.74 -13.79 -0.20
N HIS C 37 20.65 -15.10 -0.42
CA HIS C 37 19.42 -15.76 -0.84
C HIS C 37 18.56 -16.04 0.38
N ALA C 38 17.29 -15.59 0.35
CA ALA C 38 16.43 -15.68 1.52
C ALA C 38 16.23 -17.13 2.00
N GLY C 39 16.24 -18.10 1.09
CA GLY C 39 15.96 -19.46 1.48
C GLY C 39 17.04 -20.15 2.30
N LYS C 40 18.28 -19.63 2.26
CA LYS C 40 19.39 -20.29 2.91
C LYS C 40 19.39 -20.02 4.41
N GLN C 41 20.27 -20.71 5.12
CA GLN C 41 20.28 -20.66 6.58
C GLN C 41 21.14 -19.54 7.13
N ASP C 42 22.17 -19.11 6.38
CA ASP C 42 23.00 -17.97 6.74
C ASP C 42 22.29 -16.60 6.58
N TYR C 43 20.98 -16.63 6.36
CA TYR C 43 20.21 -15.43 6.04
C TYR C 43 19.58 -14.87 7.31
N ASN C 44 20.00 -13.67 7.66
CA ASN C 44 19.40 -12.93 8.76
C ASN C 44 18.34 -12.01 8.17
N ARG C 45 17.07 -12.25 8.53
CA ARG C 45 15.98 -11.53 7.90
C ARG C 45 16.13 -10.02 8.04
N GLU C 46 16.28 -9.53 9.27
CA GLU C 46 16.39 -8.10 9.52
C GLU C 46 17.51 -7.48 8.70
N GLU C 47 18.76 -7.89 8.98
CA GLU C 47 19.91 -7.23 8.42
C GLU C 47 19.96 -7.37 6.90
N ASP C 48 19.63 -8.56 6.39
CA ASP C 48 19.75 -8.84 4.96
C ASP C 48 18.58 -8.30 4.12
N ALA C 49 17.46 -7.91 4.73
CA ALA C 49 16.41 -7.24 3.98
C ALA C 49 16.37 -5.73 4.21
N ALA C 50 17.16 -5.22 5.17
CA ALA C 50 17.04 -3.83 5.59
C ALA C 50 17.13 -2.86 4.41
N LEU C 51 18.13 -3.02 3.55
CA LEU C 51 18.34 -2.02 2.50
C LEU C 51 17.16 -1.99 1.52
N PHE C 52 16.73 -3.17 1.07
CA PHE C 52 15.56 -3.27 0.20
C PHE C 52 14.33 -2.65 0.85
N LYS C 53 14.11 -2.96 2.12
CA LYS C 53 12.98 -2.34 2.81
C LYS C 53 13.12 -0.83 2.83
N ALA C 54 14.34 -0.33 3.07
CA ALA C 54 14.55 1.10 3.15
C ALA C 54 14.21 1.77 1.83
N TRP C 55 14.58 1.15 0.71
CA TRP C 55 14.21 1.68 -0.59
C TRP C 55 12.70 1.65 -0.79
N ALA C 56 12.04 0.57 -0.36
CA ALA C 56 10.59 0.50 -0.55
C ALA C 56 9.85 1.48 0.37
N LEU C 57 10.49 1.92 1.45
CA LEU C 57 9.90 2.97 2.29
C LEU C 57 10.14 4.35 1.68
N PHE C 58 11.35 4.57 1.17
CA PHE C 58 11.73 5.88 0.66
C PHE C 58 10.81 6.32 -0.47
N LYS C 59 10.31 5.38 -1.26
CA LYS C 59 9.45 5.71 -2.40
C LYS C 59 7.97 5.55 -2.09
N GLY C 60 7.62 5.29 -0.83
CA GLY C 60 6.23 5.14 -0.46
C GLY C 60 5.56 3.86 -0.92
N LYS C 61 6.28 2.96 -1.60
CA LYS C 61 5.67 1.69 -2.02
C LYS C 61 5.21 0.87 -0.82
N PHE C 62 6.00 0.85 0.26
CA PHE C 62 5.65 0.13 1.49
C PHE C 62 5.40 1.12 2.61
N ARG C 63 4.40 0.81 3.44
CA ARG C 63 4.02 1.65 4.58
C ARG C 63 3.80 0.75 5.79
N GLU C 64 4.54 1.01 6.87
CA GLU C 64 4.52 0.13 8.03
C GLU C 64 3.19 0.16 8.76
N GLY C 65 2.73 -1.02 9.18
CA GLY C 65 1.43 -1.16 9.79
C GLY C 65 0.28 -1.24 8.82
N ILE C 66 0.44 -0.73 7.60
CA ILE C 66 -0.63 -0.74 6.61
C ILE C 66 -0.45 -1.92 5.67
N ASP C 67 0.60 -1.88 4.85
CA ASP C 67 0.87 -2.94 3.90
C ASP C 67 1.48 -4.15 4.60
N LYS C 68 1.45 -5.29 3.91
CA LYS C 68 1.98 -6.55 4.43
C LYS C 68 3.40 -6.75 3.92
N PRO C 69 4.36 -7.09 4.79
CA PRO C 69 5.76 -7.15 4.31
C PRO C 69 5.97 -8.24 3.28
N ASP C 70 6.76 -7.92 2.26
CA ASP C 70 7.19 -8.89 1.24
C ASP C 70 8.63 -8.61 0.84
N PRO C 71 9.59 -9.17 1.57
CA PRO C 71 11.01 -8.96 1.23
C PRO C 71 11.34 -9.31 -0.22
N PRO C 72 10.84 -10.42 -0.78
CA PRO C 72 11.23 -10.73 -2.19
C PRO C 72 10.84 -9.65 -3.19
N THR C 73 9.65 -9.04 -3.04
CA THR C 73 9.30 -7.91 -3.89
C THR C 73 10.29 -6.77 -3.74
N TRP C 74 10.66 -6.43 -2.51
CA TRP C 74 11.63 -5.37 -2.29
C TRP C 74 12.95 -5.68 -3.00
N LYS C 75 13.39 -6.93 -2.93
CA LYS C 75 14.63 -7.33 -3.57
C LYS C 75 14.53 -7.18 -5.08
N ARG C 76 13.43 -7.66 -5.67
CA ARG C 76 13.27 -7.57 -7.12
C ARG C 76 13.17 -6.13 -7.58
N ARG C 77 12.47 -5.30 -6.81
CA ARG C 77 12.33 -3.89 -7.13
C ARG C 77 13.71 -3.23 -7.23
N LEU C 78 14.51 -3.33 -6.16
CA LEU C 78 15.83 -2.71 -6.16
C LEU C 78 16.72 -3.27 -7.27
N ARG C 79 16.68 -4.59 -7.52
CA ARG C 79 17.58 -5.16 -8.52
C ARG C 79 17.23 -4.67 -9.91
N CYS C 80 15.95 -4.72 -10.29
CA CYS C 80 15.56 -4.20 -11.59
C CYS C 80 15.91 -2.73 -11.71
N ALA C 81 15.75 -1.96 -10.62
CA ALA C 81 16.08 -0.54 -10.66
C ALA C 81 17.56 -0.33 -10.95
N LEU C 82 18.43 -1.02 -10.21
CA LEU C 82 19.87 -0.92 -10.49
C LEU C 82 20.18 -1.32 -11.92
N ASN C 83 19.53 -2.37 -12.42
CA ASN C 83 19.81 -2.83 -13.78
C ASN C 83 19.39 -1.79 -14.81
N LYS C 84 18.28 -1.11 -14.57
CA LYS C 84 17.76 -0.15 -15.55
C LYS C 84 18.64 1.08 -15.66
N SER C 85 19.10 1.59 -14.51
CA SER C 85 19.76 2.88 -14.49
C SER C 85 21.11 2.84 -15.19
N ASN C 86 21.48 3.98 -15.79
CA ASN C 86 22.80 4.18 -16.38
C ASN C 86 23.82 4.70 -15.38
N ASP C 87 23.39 5.09 -14.19
CA ASP C 87 24.34 5.52 -13.17
C ASP C 87 25.11 4.35 -12.57
N PHE C 88 24.57 3.14 -12.62
CA PHE C 88 25.17 1.97 -12.00
C PHE C 88 25.42 0.88 -13.03
N GLU C 89 26.65 0.38 -13.08
CA GLU C 89 27.00 -0.72 -13.96
C GLU C 89 27.58 -1.85 -13.12
N GLU C 90 27.03 -3.05 -13.26
CA GLU C 90 27.54 -4.19 -12.51
C GLU C 90 28.81 -4.72 -13.15
N LEU C 91 29.76 -5.15 -12.31
CA LEU C 91 30.99 -5.76 -12.76
C LEU C 91 30.89 -7.25 -12.47
N VAL C 92 30.46 -8.01 -13.47
CA VAL C 92 30.05 -9.39 -13.25
C VAL C 92 31.26 -10.28 -12.93
N GLU C 93 32.43 -9.96 -13.47
CA GLU C 93 33.61 -10.78 -13.20
C GLU C 93 34.14 -10.63 -11.78
N ARG C 94 33.65 -9.64 -11.04
CA ARG C 94 34.07 -9.41 -9.67
C ARG C 94 32.96 -9.62 -8.65
N SER C 95 31.70 -9.72 -9.09
CA SER C 95 30.65 -10.19 -8.21
C SER C 95 30.84 -11.68 -7.93
N GLN C 96 30.77 -12.07 -6.66
CA GLN C 96 30.93 -13.46 -6.23
C GLN C 96 29.63 -13.90 -5.57
N LEU C 97 28.66 -14.31 -6.39
CA LEU C 97 27.40 -14.85 -5.93
C LEU C 97 27.47 -16.35 -5.67
N ASP C 98 28.62 -16.85 -5.20
CA ASP C 98 28.79 -18.29 -4.99
C ASP C 98 29.52 -18.63 -3.70
N ILE C 99 29.68 -17.69 -2.77
CA ILE C 99 30.35 -17.94 -1.49
C ILE C 99 29.29 -17.97 -0.39
N SER C 100 29.72 -18.27 0.84
CA SER C 100 28.79 -18.30 1.97
C SER C 100 28.23 -16.92 2.28
N ASP C 101 28.94 -15.86 1.89
CA ASP C 101 28.49 -14.48 2.03
C ASP C 101 28.55 -13.81 0.66
N PRO C 102 27.56 -14.09 -0.20
CA PRO C 102 27.60 -13.56 -1.56
C PRO C 102 27.32 -12.07 -1.60
N TYR C 103 27.65 -11.48 -2.74
CA TYR C 103 27.58 -10.04 -2.92
C TYR C 103 27.66 -9.72 -4.39
N LYS C 104 27.11 -8.56 -4.76
CA LYS C 104 27.30 -7.96 -6.06
C LYS C 104 28.24 -6.77 -5.92
N VAL C 105 28.81 -6.35 -7.05
CA VAL C 105 29.71 -5.21 -7.10
C VAL C 105 29.22 -4.27 -8.19
N TYR C 106 29.13 -2.97 -7.87
CA TYR C 106 28.62 -1.98 -8.81
C TYR C 106 29.57 -0.80 -8.92
N ARG C 107 29.69 -0.27 -10.13
CA ARG C 107 30.49 0.92 -10.41
C ARG C 107 29.56 2.07 -10.74
N ILE C 108 29.91 3.26 -10.25
CA ILE C 108 29.09 4.45 -10.48
C ILE C 108 29.66 5.22 -11.67
N VAL C 109 28.88 5.31 -12.73
CA VAL C 109 29.28 6.06 -13.90
C VAL C 109 28.95 7.55 -13.66
N PRO C 110 29.91 8.46 -13.88
CA PRO C 110 29.68 9.89 -13.71
C PRO C 110 28.69 10.47 -14.72
N GLY D 3 -9.16 19.05 -30.52
CA GLY D 3 -9.48 17.91 -29.68
C GLY D 3 -10.33 16.87 -30.38
N LYS D 4 -9.69 15.95 -31.10
CA LYS D 4 -10.40 14.94 -31.87
C LYS D 4 -10.63 13.65 -31.09
N LEU D 5 -10.21 13.58 -29.82
CA LEU D 5 -10.36 12.33 -29.07
C LEU D 5 -11.81 12.05 -28.72
N ARG D 6 -12.56 13.08 -28.33
CA ARG D 6 -13.91 12.87 -27.80
C ARG D 6 -14.81 12.20 -28.83
N GLN D 7 -15.04 12.88 -29.95
CA GLN D 7 -15.90 12.32 -30.98
C GLN D 7 -15.35 11.00 -31.49
N TRP D 8 -14.03 10.89 -31.62
CA TRP D 8 -13.43 9.66 -32.16
C TRP D 8 -13.78 8.47 -31.28
N LEU D 9 -13.56 8.60 -29.97
CA LEU D 9 -13.85 7.52 -29.04
C LEU D 9 -15.34 7.19 -29.04
N ILE D 10 -16.20 8.22 -29.04
CA ILE D 10 -17.63 7.94 -29.02
C ILE D 10 -18.03 7.16 -30.27
N ASP D 11 -17.50 7.58 -31.43
CA ASP D 11 -17.78 6.89 -32.68
C ASP D 11 -17.32 5.43 -32.60
N GLN D 12 -16.14 5.21 -32.02
CA GLN D 12 -15.62 3.84 -31.94
C GLN D 12 -16.44 2.97 -31.00
N ILE D 13 -16.96 3.54 -29.92
CA ILE D 13 -17.79 2.75 -29.01
C ILE D 13 -19.12 2.43 -29.67
N ASP D 14 -19.75 3.44 -30.29
CA ASP D 14 -21.03 3.23 -30.95
C ASP D 14 -20.89 2.22 -32.09
N SER D 15 -19.76 2.26 -32.79
CA SER D 15 -19.52 1.31 -33.88
C SER D 15 -19.58 -0.14 -33.40
N GLY D 16 -19.04 -0.42 -32.22
CA GLY D 16 -19.09 -1.77 -31.69
C GLY D 16 -18.27 -2.79 -32.47
N LYS D 17 -17.31 -2.35 -33.28
CA LYS D 17 -16.39 -3.26 -33.95
C LYS D 17 -15.30 -3.79 -33.03
N TYR D 18 -15.41 -3.57 -31.73
CA TYR D 18 -14.37 -3.92 -30.78
C TYR D 18 -14.99 -4.67 -29.60
N PRO D 19 -14.69 -5.96 -29.43
CA PRO D 19 -15.21 -6.68 -28.27
C PRO D 19 -14.64 -6.10 -26.99
N GLY D 20 -15.42 -6.22 -25.92
CA GLY D 20 -14.99 -5.71 -24.64
C GLY D 20 -15.21 -4.22 -24.48
N LEU D 21 -15.33 -3.54 -25.62
CA LEU D 21 -15.56 -2.09 -25.66
C LEU D 21 -17.06 -1.85 -25.75
N VAL D 22 -17.69 -1.59 -24.61
CA VAL D 22 -19.14 -1.48 -24.50
C VAL D 22 -19.51 -0.24 -23.71
N TRP D 23 -20.77 0.17 -23.84
CA TRP D 23 -21.34 1.17 -22.95
C TRP D 23 -21.74 0.51 -21.63
N GLU D 24 -21.78 1.31 -20.56
CA GLU D 24 -22.22 0.83 -19.27
C GLU D 24 -23.61 1.31 -18.87
N ASN D 25 -24.20 2.26 -19.61
CA ASN D 25 -25.53 2.77 -19.34
C ASN D 25 -26.17 3.21 -20.65
N GLU D 26 -27.52 3.25 -20.66
CA GLU D 26 -28.24 3.71 -21.84
C GLU D 26 -28.19 5.23 -22.02
N GLU D 27 -27.52 5.95 -21.12
CA GLU D 27 -27.24 7.38 -21.27
C GLU D 27 -25.98 7.66 -22.07
N LYS D 28 -25.26 6.62 -22.52
CA LYS D 28 -24.03 6.75 -23.31
C LYS D 28 -23.06 7.72 -22.64
N SER D 29 -22.88 7.56 -21.34
CA SER D 29 -22.02 8.42 -20.54
C SER D 29 -20.88 7.69 -19.85
N ILE D 30 -21.02 6.40 -19.56
CA ILE D 30 -19.98 5.59 -18.91
C ILE D 30 -19.76 4.33 -19.73
N PHE D 31 -18.49 3.93 -19.88
CA PHE D 31 -18.14 2.82 -20.77
C PHE D 31 -16.89 2.10 -20.28
N ARG D 32 -16.80 0.82 -20.62
CA ARG D 32 -15.63 -0.02 -20.35
C ARG D 32 -14.69 -0.05 -21.54
N ILE D 33 -13.41 -0.25 -21.25
CA ILE D 33 -12.38 -0.41 -22.28
C ILE D 33 -11.41 -1.49 -21.85
N PRO D 34 -11.17 -2.54 -22.64
CA PRO D 34 -10.31 -3.64 -22.19
C PRO D 34 -8.86 -3.18 -22.00
N TRP D 35 -8.30 -3.54 -20.86
CA TRP D 35 -6.94 -3.17 -20.49
C TRP D 35 -6.23 -4.46 -20.04
N LYS D 36 -5.65 -5.18 -21.00
CA LYS D 36 -4.96 -6.42 -20.72
C LYS D 36 -3.47 -6.23 -20.98
N HIS D 37 -2.66 -6.94 -20.20
CA HIS D 37 -1.21 -6.83 -20.29
C HIS D 37 -0.70 -7.77 -21.39
N ALA D 38 0.08 -7.22 -22.32
CA ALA D 38 0.61 -8.04 -23.40
C ALA D 38 1.63 -9.04 -22.88
N GLY D 39 1.79 -10.13 -23.62
CA GLY D 39 2.86 -11.06 -23.31
C GLY D 39 4.07 -10.83 -24.19
N LYS D 40 4.42 -11.84 -24.97
CA LYS D 40 5.41 -11.72 -26.03
C LYS D 40 4.79 -11.38 -27.37
N GLN D 41 3.46 -11.40 -27.45
CA GLN D 41 2.73 -11.23 -28.70
C GLN D 41 1.61 -10.19 -28.54
N ASN D 44 -4.41 -12.98 -27.59
CA ASN D 44 -4.49 -11.58 -27.18
C ASN D 44 -3.30 -10.80 -27.71
N ARG D 45 -3.30 -10.54 -29.01
CA ARG D 45 -2.16 -9.87 -29.64
C ARG D 45 -2.60 -8.82 -30.65
N GLU D 46 -3.61 -9.12 -31.48
CA GLU D 46 -4.08 -8.18 -32.49
C GLU D 46 -5.49 -7.68 -32.24
N GLU D 47 -6.43 -8.57 -31.92
CA GLU D 47 -7.81 -8.16 -31.67
C GLU D 47 -7.90 -7.06 -30.61
N ASP D 48 -7.08 -7.19 -29.56
CA ASP D 48 -7.07 -6.19 -28.49
C ASP D 48 -6.47 -4.87 -28.98
N ALA D 49 -5.35 -4.95 -29.70
CA ALA D 49 -4.62 -3.76 -30.13
C ALA D 49 -5.35 -2.98 -31.21
N ALA D 50 -6.48 -3.48 -31.73
CA ALA D 50 -7.14 -2.84 -32.86
C ALA D 50 -7.41 -1.37 -32.57
N LEU D 51 -8.05 -1.10 -31.43
CA LEU D 51 -8.23 0.27 -30.96
C LEU D 51 -6.93 1.06 -31.03
N PHE D 52 -5.90 0.55 -30.35
CA PHE D 52 -4.61 1.25 -30.33
C PHE D 52 -4.06 1.43 -31.74
N LYS D 53 -4.35 0.47 -32.62
CA LYS D 53 -4.00 0.64 -34.03
C LYS D 53 -4.85 1.74 -34.65
N ALA D 54 -6.18 1.62 -34.49
CA ALA D 54 -7.10 2.56 -35.11
C ALA D 54 -6.72 3.99 -34.79
N TRP D 55 -6.54 4.28 -33.50
CA TRP D 55 -6.15 5.62 -33.08
C TRP D 55 -4.87 6.07 -33.79
N ALA D 56 -3.85 5.21 -33.79
CA ALA D 56 -2.59 5.56 -34.44
C ALA D 56 -2.78 5.77 -35.93
N LEU D 57 -3.72 5.04 -36.55
CA LEU D 57 -4.03 5.26 -37.96
C LEU D 57 -4.75 6.59 -38.14
N PHE D 58 -5.65 6.92 -37.22
CA PHE D 58 -6.48 8.11 -37.39
C PHE D 58 -5.63 9.36 -37.30
N LYS D 59 -4.88 9.52 -36.22
CA LYS D 59 -4.05 10.70 -36.07
C LYS D 59 -2.79 10.66 -36.95
N GLY D 60 -2.76 9.77 -37.94
CA GLY D 60 -1.64 9.69 -38.85
C GLY D 60 -0.30 9.43 -38.21
N LYS D 61 -0.29 8.86 -37.00
CA LYS D 61 0.96 8.49 -36.34
C LYS D 61 1.52 7.17 -36.86
N PHE D 62 0.70 6.35 -37.51
CA PHE D 62 1.16 5.11 -38.14
C PHE D 62 0.56 4.99 -39.53
N ARG D 63 1.41 4.96 -40.54
CA ARG D 63 1.01 4.81 -41.94
C ARG D 63 1.39 3.41 -42.43
N GLU D 64 0.37 2.65 -42.85
CA GLU D 64 0.58 1.28 -43.32
C GLU D 64 1.63 1.26 -44.42
N GLY D 65 2.55 0.30 -44.31
CA GLY D 65 3.60 0.17 -45.30
C GLY D 65 4.65 1.26 -45.26
N ILE D 66 4.76 1.99 -44.15
CA ILE D 66 5.77 3.03 -44.04
C ILE D 66 6.53 2.89 -42.73
N ASP D 67 5.80 2.76 -41.62
CA ASP D 67 6.40 2.60 -40.31
C ASP D 67 6.44 1.13 -39.92
N LYS D 68 7.28 0.81 -38.96
CA LYS D 68 7.30 -0.54 -38.42
C LYS D 68 6.21 -0.67 -37.35
N PRO D 69 5.37 -1.70 -37.41
CA PRO D 69 4.33 -1.88 -36.39
C PRO D 69 4.92 -1.95 -34.99
N ASP D 70 4.15 -1.45 -34.01
CA ASP D 70 4.65 -1.27 -32.64
C ASP D 70 3.51 -1.11 -31.64
N PRO D 71 2.86 -2.20 -31.23
CA PRO D 71 1.68 -2.11 -30.35
C PRO D 71 1.96 -1.46 -29.00
N PRO D 72 3.11 -1.72 -28.34
CA PRO D 72 3.32 -1.10 -27.01
C PRO D 72 3.18 0.43 -27.02
N THR D 73 3.78 1.11 -27.99
CA THR D 73 3.65 2.57 -27.98
C THR D 73 2.27 3.03 -28.46
N TRP D 74 1.54 2.22 -29.22
CA TRP D 74 0.16 2.59 -29.54
C TRP D 74 -0.71 2.57 -28.29
N LYS D 75 -0.61 1.48 -27.52
CA LYS D 75 -1.36 1.39 -26.26
C LYS D 75 -0.92 2.49 -25.30
N ARG D 76 0.37 2.81 -25.28
CA ARG D 76 0.85 3.85 -24.38
C ARG D 76 0.37 5.24 -24.79
N ARG D 77 0.37 5.54 -26.10
CA ARG D 77 -0.14 6.82 -26.57
C ARG D 77 -1.60 6.99 -26.20
N LEU D 78 -2.41 5.95 -26.43
CA LEU D 78 -3.82 6.07 -26.08
C LEU D 78 -4.00 6.21 -24.57
N ARG D 79 -3.16 5.51 -23.78
CA ARG D 79 -3.26 5.63 -22.33
C ARG D 79 -2.95 7.04 -21.87
N CYS D 80 -1.86 7.62 -22.39
CA CYS D 80 -1.46 8.97 -22.00
C CYS D 80 -2.49 9.99 -22.46
N ALA D 81 -3.07 9.79 -23.65
CA ALA D 81 -4.09 10.71 -24.14
C ALA D 81 -5.35 10.64 -23.29
N LEU D 82 -5.77 9.43 -22.92
CA LEU D 82 -6.96 9.28 -22.10
C LEU D 82 -6.74 9.79 -20.68
N ASN D 83 -5.53 9.65 -20.14
CA ASN D 83 -5.27 10.15 -18.80
C ASN D 83 -5.21 11.67 -18.80
N LYS D 84 -4.51 12.26 -19.76
CA LYS D 84 -4.34 13.70 -19.77
C LYS D 84 -5.54 14.45 -20.34
N SER D 85 -6.58 13.76 -20.78
CA SER D 85 -7.73 14.44 -21.35
C SER D 85 -8.67 14.93 -20.25
N ASN D 86 -9.47 15.95 -20.60
CA ASN D 86 -10.47 16.47 -19.69
C ASN D 86 -11.87 16.00 -19.99
N ASP D 87 -12.12 15.44 -21.17
CA ASP D 87 -13.45 14.94 -21.51
C ASP D 87 -13.74 13.58 -20.91
N PHE D 88 -12.74 12.92 -20.33
CA PHE D 88 -12.86 11.58 -19.77
C PHE D 88 -12.30 11.55 -18.37
N GLU D 89 -13.01 10.85 -17.47
CA GLU D 89 -12.54 10.64 -16.11
C GLU D 89 -12.69 9.18 -15.74
N GLU D 90 -11.63 8.58 -15.20
CA GLU D 90 -11.68 7.17 -14.83
C GLU D 90 -12.48 7.00 -13.54
N LEU D 91 -13.47 6.12 -13.58
CA LEU D 91 -14.17 5.71 -12.36
C LEU D 91 -13.35 4.57 -11.74
N VAL D 92 -12.37 4.98 -10.93
CA VAL D 92 -11.39 4.02 -10.43
C VAL D 92 -12.08 2.99 -9.53
N GLU D 93 -13.07 3.43 -8.76
CA GLU D 93 -13.84 2.49 -7.95
C GLU D 93 -14.63 1.48 -8.79
N ARG D 94 -14.71 1.65 -10.10
CA ARG D 94 -15.39 0.69 -10.96
C ARG D 94 -14.46 -0.13 -11.84
N SER D 95 -13.23 0.33 -12.06
CA SER D 95 -12.29 -0.44 -12.88
C SER D 95 -12.06 -1.82 -12.30
N GLN D 96 -11.61 -2.74 -13.16
CA GLN D 96 -11.48 -4.15 -12.77
C GLN D 96 -10.20 -4.70 -13.43
N LEU D 97 -9.05 -4.36 -12.86
CA LEU D 97 -7.79 -4.84 -13.38
C LEU D 97 -7.36 -6.17 -12.78
N ASP D 98 -8.23 -6.85 -12.03
CA ASP D 98 -7.88 -8.04 -11.28
C ASP D 98 -8.75 -9.24 -11.68
N ILE D 99 -9.13 -9.33 -12.95
CA ILE D 99 -9.98 -10.41 -13.43
C ILE D 99 -9.45 -10.92 -14.76
N SER D 100 -10.06 -11.99 -15.25
CA SER D 100 -9.89 -12.38 -16.64
C SER D 100 -10.77 -11.50 -17.51
N ASP D 101 -10.27 -11.12 -18.68
CA ASP D 101 -10.87 -10.05 -19.47
C ASP D 101 -11.03 -8.81 -18.60
N PRO D 102 -9.94 -8.18 -18.15
CA PRO D 102 -10.06 -6.98 -17.35
C PRO D 102 -10.33 -5.76 -18.24
N TYR D 103 -10.62 -4.64 -17.58
CA TYR D 103 -11.02 -3.42 -18.27
C TYR D 103 -10.91 -2.24 -17.30
N LYS D 104 -10.96 -1.04 -17.88
CA LYS D 104 -11.06 0.21 -17.14
C LYS D 104 -12.39 0.90 -17.47
N VAL D 105 -12.97 1.54 -16.47
CA VAL D 105 -14.27 2.20 -16.59
C VAL D 105 -14.05 3.70 -16.67
N TYR D 106 -14.72 4.35 -17.63
CA TYR D 106 -14.56 5.78 -17.87
C TYR D 106 -15.92 6.46 -17.98
N ARG D 107 -16.02 7.65 -17.40
CA ARG D 107 -17.17 8.54 -17.58
C ARG D 107 -16.80 9.66 -18.55
N ILE D 108 -17.77 10.01 -19.39
CA ILE D 108 -17.65 11.10 -20.36
C ILE D 108 -18.29 12.32 -19.74
N VAL D 109 -17.49 13.33 -19.42
CA VAL D 109 -18.01 14.57 -18.84
C VAL D 109 -18.70 15.38 -19.92
N PRO D 110 -19.78 16.10 -19.61
CA PRO D 110 -20.45 16.89 -20.65
C PRO D 110 -19.71 18.19 -20.92
N GLU D 111 -19.74 18.60 -22.18
CA GLU D 111 -19.10 19.84 -22.62
C GLU D 111 -19.51 20.19 -24.05
N ASN G 2 -10.09 15.05 10.65
CA ASN G 2 -11.11 14.56 11.56
C ASN G 2 -12.51 14.68 10.92
N GLY G 3 -13.30 13.61 11.07
CA GLY G 3 -14.68 13.61 10.62
C GLY G 3 -14.82 13.59 9.10
N LYS G 4 -14.21 12.62 8.45
CA LYS G 4 -14.34 12.51 7.01
C LYS G 4 -15.45 11.57 6.58
N LEU G 5 -15.70 10.52 7.35
CA LEU G 5 -16.58 9.45 6.91
C LEU G 5 -18.00 9.94 6.68
N ARG G 6 -18.51 10.78 7.58
CA ARG G 6 -19.90 11.23 7.46
C ARG G 6 -20.11 12.00 6.16
N GLN G 7 -19.34 13.08 5.98
CA GLN G 7 -19.52 13.90 4.79
C GLN G 7 -19.27 13.10 3.52
N TRP G 8 -18.26 12.23 3.53
CA TRP G 8 -17.96 11.43 2.36
C TRP G 8 -19.14 10.53 2.00
N LEU G 9 -19.74 9.88 2.99
CA LEU G 9 -20.83 8.96 2.70
C LEU G 9 -22.09 9.71 2.28
N ILE G 10 -22.35 10.87 2.88
CA ILE G 10 -23.48 11.69 2.43
C ILE G 10 -23.32 12.05 0.96
N ASP G 11 -22.12 12.49 0.58
CA ASP G 11 -21.86 12.81 -0.82
C ASP G 11 -22.08 11.59 -1.71
N GLN G 12 -21.67 10.41 -1.25
CA GLN G 12 -21.87 9.18 -2.03
C GLN G 12 -23.35 8.92 -2.28
N ILE G 13 -24.16 8.96 -1.21
CA ILE G 13 -25.60 8.74 -1.36
C ILE G 13 -26.20 9.79 -2.28
N ASP G 14 -25.78 11.04 -2.12
CA ASP G 14 -26.32 12.11 -2.97
C ASP G 14 -25.99 11.87 -4.44
N SER G 15 -24.80 11.36 -4.73
CA SER G 15 -24.35 11.25 -6.12
C SER G 15 -25.25 10.32 -6.93
N GLY G 16 -25.64 9.19 -6.37
CA GLY G 16 -26.35 8.20 -7.14
C GLY G 16 -25.48 7.41 -8.09
N LYS G 17 -24.17 7.39 -7.88
CA LYS G 17 -23.28 6.55 -8.68
C LYS G 17 -23.39 5.07 -8.32
N TYR G 18 -24.03 4.73 -7.21
CA TYR G 18 -24.03 3.36 -6.70
C TYR G 18 -25.46 2.83 -6.63
N PRO G 19 -25.83 1.87 -7.49
CA PRO G 19 -27.20 1.33 -7.46
C PRO G 19 -27.48 0.61 -6.14
N GLY G 20 -28.47 1.12 -5.42
CA GLY G 20 -28.89 0.58 -4.14
C GLY G 20 -28.66 1.53 -2.98
N LEU G 21 -27.72 2.45 -3.12
CA LEU G 21 -27.38 3.41 -2.07
C LEU G 21 -28.29 4.62 -2.21
N VAL G 22 -29.49 4.51 -1.64
CA VAL G 22 -30.49 5.56 -1.77
C VAL G 22 -30.97 5.98 -0.38
N TRP G 23 -31.58 7.16 -0.33
CA TRP G 23 -32.21 7.63 0.88
C TRP G 23 -33.57 6.95 1.04
N GLU G 24 -33.94 6.73 2.31
CA GLU G 24 -35.24 6.14 2.62
C GLU G 24 -36.25 7.17 3.14
N ASN G 25 -35.78 8.32 3.63
CA ASN G 25 -36.66 9.44 3.94
C ASN G 25 -36.14 10.71 3.27
N GLU G 26 -37.03 11.69 3.14
CA GLU G 26 -36.73 12.91 2.42
C GLU G 26 -35.93 13.91 3.24
N GLU G 27 -35.84 13.70 4.56
CA GLU G 27 -35.03 14.53 5.42
C GLU G 27 -33.55 14.22 5.34
N LYS G 28 -33.18 13.18 4.59
CA LYS G 28 -31.79 12.71 4.51
C LYS G 28 -31.26 12.33 5.90
N SER G 29 -32.00 11.46 6.58
CA SER G 29 -31.65 11.01 7.92
C SER G 29 -31.60 9.49 8.06
N ILE G 30 -32.11 8.74 7.08
CA ILE G 30 -32.10 7.29 7.08
C ILE G 30 -31.87 6.84 5.64
N PHE G 31 -30.95 5.90 5.45
CA PHE G 31 -30.65 5.42 4.11
C PHE G 31 -30.50 3.91 4.11
N ARG G 32 -30.36 3.37 2.90
CA ARG G 32 -30.30 1.94 2.66
C ARG G 32 -29.08 1.65 1.81
N ILE G 33 -28.28 0.66 2.23
CA ILE G 33 -27.02 0.34 1.59
C ILE G 33 -26.97 -1.15 1.27
N PRO G 34 -26.74 -1.54 0.02
CA PRO G 34 -26.74 -2.97 -0.32
C PRO G 34 -25.62 -3.73 0.37
N TRP G 35 -25.94 -4.95 0.82
CA TRP G 35 -25.01 -5.80 1.56
C TRP G 35 -25.07 -7.23 0.99
N LYS G 36 -24.41 -7.44 -0.15
CA LYS G 36 -24.41 -8.73 -0.80
C LYS G 36 -23.16 -9.52 -0.41
N HIS G 37 -23.35 -10.81 -0.16
CA HIS G 37 -22.24 -11.72 0.14
C HIS G 37 -21.47 -12.04 -1.15
N ALA G 38 -20.14 -12.08 -1.04
CA ALA G 38 -19.30 -12.27 -2.22
C ALA G 38 -19.51 -13.63 -2.87
N GLY G 39 -19.80 -14.67 -2.08
CA GLY G 39 -19.95 -15.99 -2.64
C GLY G 39 -21.14 -16.15 -3.58
N LYS G 40 -22.20 -15.38 -3.36
CA LYS G 40 -23.43 -15.53 -4.14
C LYS G 40 -23.16 -15.32 -5.62
N GLN G 41 -23.88 -16.07 -6.46
CA GLN G 41 -23.75 -15.90 -7.90
C GLN G 41 -24.25 -14.54 -8.35
N ASP G 42 -25.33 -14.05 -7.73
CA ASP G 42 -25.89 -12.74 -8.06
C ASP G 42 -24.98 -11.58 -7.66
N TYR G 43 -23.78 -11.87 -7.17
CA TYR G 43 -22.84 -10.85 -6.77
C TYR G 43 -22.11 -10.34 -8.00
N ASN G 44 -22.44 -9.15 -8.44
CA ASN G 44 -21.66 -8.43 -9.44
C ASN G 44 -20.45 -7.81 -8.77
N ARG G 45 -19.25 -8.27 -9.13
CA ARG G 45 -18.05 -7.80 -8.45
C ARG G 45 -17.85 -6.30 -8.62
N GLU G 46 -18.09 -5.77 -9.82
CA GLU G 46 -17.82 -4.35 -10.07
C GLU G 46 -18.80 -3.46 -9.30
N GLU G 47 -20.09 -3.77 -9.39
CA GLU G 47 -21.10 -2.89 -8.80
C GLU G 47 -21.15 -3.03 -7.29
N ASP G 48 -21.07 -4.27 -6.79
CA ASP G 48 -21.27 -4.52 -5.36
C ASP G 48 -20.05 -4.20 -4.51
N ALA G 49 -18.86 -4.10 -5.12
CA ALA G 49 -17.66 -3.72 -4.39
C ALA G 49 -17.27 -2.27 -4.61
N ALA G 50 -18.06 -1.51 -5.38
CA ALA G 50 -17.65 -0.17 -5.79
C ALA G 50 -17.56 0.78 -4.60
N LEU G 51 -18.55 0.76 -3.71
CA LEU G 51 -18.55 1.71 -2.60
C LEU G 51 -17.38 1.46 -1.65
N PHE G 52 -17.09 0.19 -1.39
CA PHE G 52 -15.98 -0.15 -0.50
C PHE G 52 -14.65 0.23 -1.14
N LYS G 53 -14.46 -0.10 -2.41
CA LYS G 53 -13.25 0.33 -3.10
C LYS G 53 -13.11 1.84 -3.07
N ALA G 54 -14.23 2.57 -3.21
CA ALA G 54 -14.18 4.02 -3.19
C ALA G 54 -13.69 4.54 -1.86
N TRP G 55 -14.24 4.01 -0.75
CA TRP G 55 -13.76 4.42 0.58
C TRP G 55 -12.29 4.06 0.77
N ALA G 56 -11.83 2.96 0.19
CA ALA G 56 -10.41 2.62 0.32
C ALA G 56 -9.54 3.60 -0.46
N LEU G 57 -9.99 4.01 -1.65
CA LEU G 57 -9.26 5.01 -2.41
C LEU G 57 -9.20 6.34 -1.67
N PHE G 58 -10.35 6.78 -1.15
CA PHE G 58 -10.43 8.08 -0.48
C PHE G 58 -9.38 8.21 0.61
N LYS G 59 -9.35 7.24 1.53
CA LYS G 59 -8.41 7.28 2.64
C LYS G 59 -7.00 6.89 2.24
N GLY G 60 -6.74 6.61 0.96
CA GLY G 60 -5.40 6.28 0.52
C GLY G 60 -4.94 4.88 0.81
N LYS G 61 -5.77 4.05 1.45
CA LYS G 61 -5.37 2.69 1.79
C LYS G 61 -5.07 1.87 0.54
N PHE G 62 -5.98 1.87 -0.42
CA PHE G 62 -5.75 1.23 -1.69
C PHE G 62 -5.32 2.27 -2.72
N ARG G 63 -4.28 1.93 -3.49
CA ARG G 63 -3.76 2.79 -4.55
C ARG G 63 -3.67 1.97 -5.83
N GLU G 64 -4.43 2.35 -6.85
CA GLU G 64 -4.53 1.55 -8.06
C GLU G 64 -3.20 1.50 -8.79
N GLY G 65 -2.83 0.29 -9.22
CA GLY G 65 -1.56 0.06 -9.86
C GLY G 65 -0.44 -0.34 -8.93
N ILE G 66 -0.53 0.04 -7.65
CA ILE G 66 0.53 -0.25 -6.69
C ILE G 66 0.20 -1.44 -5.79
N ASP G 67 -1.07 -1.65 -5.46
CA ASP G 67 -1.47 -2.66 -4.50
C ASP G 67 -2.30 -3.75 -5.18
N LYS G 68 -2.41 -4.90 -4.51
CA LYS G 68 -3.25 -5.95 -5.06
C LYS G 68 -4.67 -5.80 -4.54
N PRO G 69 -5.67 -5.82 -5.41
CA PRO G 69 -7.06 -5.69 -4.96
C PRO G 69 -7.46 -6.79 -3.97
N ASP G 70 -8.17 -6.39 -2.91
CA ASP G 70 -8.64 -7.32 -1.89
C ASP G 70 -9.99 -6.84 -1.35
N PRO G 71 -11.06 -7.08 -2.08
CA PRO G 71 -12.37 -6.49 -1.71
C PRO G 71 -12.84 -6.88 -0.32
N PRO G 72 -12.66 -8.15 0.13
CA PRO G 72 -12.96 -8.45 1.55
C PRO G 72 -12.45 -7.43 2.55
N THR G 73 -11.18 -7.03 2.44
CA THR G 73 -10.64 -6.02 3.34
C THR G 73 -11.43 -4.72 3.25
N TRP G 74 -11.72 -4.25 2.03
CA TRP G 74 -12.48 -3.02 1.88
C TRP G 74 -13.83 -3.11 2.57
N LYS G 75 -14.49 -4.26 2.45
CA LYS G 75 -15.81 -4.42 3.07
C LYS G 75 -15.71 -4.39 4.59
N ARG G 76 -14.74 -5.12 5.17
CA ARG G 76 -14.71 -5.10 6.63
C ARG G 76 -14.19 -3.77 7.17
N ARG G 77 -13.34 -3.08 6.41
CA ARG G 77 -12.95 -1.72 6.77
C ARG G 77 -14.18 -0.83 6.91
N LEU G 78 -14.98 -0.75 5.85
CA LEU G 78 -16.16 0.12 5.90
C LEU G 78 -17.14 -0.34 6.97
N ARG G 79 -17.25 -1.65 7.20
CA ARG G 79 -18.20 -2.16 8.17
C ARG G 79 -17.78 -1.77 9.59
N CYS G 80 -16.51 -1.94 9.92
CA CYS G 80 -16.04 -1.51 11.24
C CYS G 80 -16.10 0.00 11.38
N ALA G 81 -15.90 0.74 10.27
CA ALA G 81 -16.04 2.19 10.32
C ALA G 81 -17.45 2.61 10.70
N LEU G 82 -18.46 2.00 10.06
CA LEU G 82 -19.84 2.29 10.43
C LEU G 82 -20.13 1.86 11.87
N ASN G 83 -19.66 0.67 12.27
CA ASN G 83 -19.94 0.17 13.61
C ASN G 83 -19.37 1.10 14.68
N LYS G 84 -18.14 1.59 14.46
CA LYS G 84 -17.45 2.33 15.50
C LYS G 84 -18.01 3.73 15.65
N SER G 85 -18.25 4.42 14.54
CA SER G 85 -18.59 5.83 14.63
C SER G 85 -19.98 6.03 15.22
N ASN G 86 -20.16 7.18 15.88
CA ASN G 86 -21.42 7.57 16.46
C ASN G 86 -22.35 8.27 15.49
N ASP G 87 -21.83 8.74 14.36
CA ASP G 87 -22.65 9.42 13.36
C ASP G 87 -23.69 8.49 12.74
N PHE G 88 -23.45 7.17 12.76
CA PHE G 88 -24.34 6.22 12.10
C PHE G 88 -24.77 5.14 13.07
N GLU G 89 -26.07 4.80 13.01
CA GLU G 89 -26.65 3.76 13.85
C GLU G 89 -27.50 2.83 12.98
N GLU G 90 -27.24 1.54 13.05
CA GLU G 90 -27.98 0.58 12.25
C GLU G 90 -29.32 0.29 12.89
N LEU G 91 -30.38 0.31 12.08
CA LEU G 91 -31.72 -0.10 12.49
C LEU G 91 -31.87 -1.53 12.00
N VAL G 92 -31.53 -2.49 12.86
CA VAL G 92 -31.34 -3.88 12.42
C VAL G 92 -32.66 -4.52 11.99
N GLU G 93 -33.78 -4.10 12.58
CA GLU G 93 -35.08 -4.68 12.24
C GLU G 93 -35.56 -4.27 10.86
N ARG G 94 -34.95 -3.25 10.24
CA ARG G 94 -35.30 -2.87 8.87
C ARG G 94 -34.32 -3.41 7.85
N SER G 95 -33.22 -4.03 8.30
CA SER G 95 -32.19 -4.54 7.38
C SER G 95 -32.51 -5.99 7.03
N GLN G 96 -32.75 -6.23 5.76
CA GLN G 96 -33.09 -7.56 5.25
C GLN G 96 -31.81 -8.23 4.76
N LEU G 97 -31.12 -8.92 5.67
CA LEU G 97 -29.90 -9.64 5.32
C LEU G 97 -30.17 -11.06 4.83
N ASP G 98 -31.39 -11.35 4.34
CA ASP G 98 -31.75 -12.70 3.90
C ASP G 98 -32.61 -12.69 2.64
N ILE G 99 -32.51 -11.65 1.81
CA ILE G 99 -33.30 -11.52 0.60
C ILE G 99 -32.38 -11.77 -0.59
N SER G 100 -32.99 -12.12 -1.74
CA SER G 100 -32.23 -12.20 -2.97
C SER G 100 -31.45 -10.92 -3.24
N ASP G 101 -31.94 -9.77 -2.75
CA ASP G 101 -31.23 -8.49 -2.83
C ASP G 101 -31.13 -7.93 -1.42
N PRO G 102 -30.09 -8.32 -0.66
CA PRO G 102 -30.02 -7.93 0.74
C PRO G 102 -29.46 -6.52 0.91
N TYR G 103 -29.84 -5.91 2.03
CA TYR G 103 -29.47 -4.53 2.28
C TYR G 103 -29.50 -4.27 3.79
N LYS G 104 -28.87 -3.18 4.19
CA LYS G 104 -28.86 -2.72 5.57
C LYS G 104 -29.40 -1.30 5.63
N VAL G 105 -30.20 -1.02 6.65
CA VAL G 105 -30.78 0.31 6.84
C VAL G 105 -30.03 1.00 7.97
N TYR G 106 -29.53 2.21 7.69
CA TYR G 106 -28.79 3.00 8.65
C TYR G 106 -29.49 4.32 8.88
N ARG G 107 -29.23 4.90 10.05
CA ARG G 107 -29.78 6.18 10.42
C ARG G 107 -28.64 7.10 10.82
N ILE G 108 -28.72 8.35 10.36
CA ILE G 108 -27.67 9.32 10.59
C ILE G 108 -27.99 10.11 11.86
N VAL G 109 -26.97 10.42 12.63
CA VAL G 109 -27.11 11.19 13.87
C VAL G 109 -26.63 12.61 13.61
N PRO G 110 -27.35 13.65 14.10
CA PRO G 110 -26.98 15.06 14.00
C PRO G 110 -25.56 15.37 14.48
N GLY H 3 13.33 16.01 30.61
CA GLY H 3 13.79 14.78 30.00
C GLY H 3 14.06 13.66 30.99
N LYS H 4 13.10 12.73 31.12
CA LYS H 4 13.21 11.59 32.02
C LYS H 4 13.18 10.24 31.31
N LEU H 5 12.69 10.16 30.07
CA LEU H 5 12.52 8.86 29.43
C LEU H 5 13.84 8.27 28.93
N ARG H 6 14.74 9.14 28.46
CA ARG H 6 16.00 8.69 27.87
C ARG H 6 16.80 7.83 28.86
N GLN H 7 17.14 8.41 30.01
CA GLN H 7 17.97 7.71 30.98
C GLN H 7 17.25 6.49 31.54
N TRP H 8 15.93 6.60 31.75
CA TRP H 8 15.17 5.48 32.28
C TRP H 8 15.20 4.28 31.33
N LEU H 9 15.02 4.54 30.03
CA LEU H 9 15.05 3.46 29.05
C LEU H 9 16.45 2.87 28.90
N ILE H 10 17.48 3.71 28.94
CA ILE H 10 18.84 3.16 28.87
C ILE H 10 19.09 2.25 30.07
N ASP H 11 18.64 2.68 31.26
CA ASP H 11 18.82 1.87 32.46
C ASP H 11 18.06 0.56 32.37
N GLN H 12 16.81 0.61 31.88
CA GLN H 12 16.01 -0.61 31.75
C GLN H 12 16.64 -1.58 30.76
N ILE H 13 17.17 -1.08 29.64
CA ILE H 13 17.83 -1.97 28.69
C ILE H 13 19.09 -2.58 29.29
N ASP H 14 19.90 -1.76 29.98
CA ASP H 14 21.14 -2.24 30.57
C ASP H 14 20.90 -3.23 31.70
N SER H 15 19.76 -3.14 32.38
CA SER H 15 19.50 -4.02 33.51
C SER H 15 19.34 -5.48 33.10
N GLY H 16 19.00 -5.74 31.84
CA GLY H 16 18.81 -7.10 31.36
C GLY H 16 17.61 -7.83 31.91
N LYS H 17 16.79 -7.17 32.74
CA LYS H 17 15.65 -7.80 33.39
C LYS H 17 14.46 -8.02 32.46
N TYR H 18 14.53 -7.60 31.21
CA TYR H 18 13.40 -7.68 30.30
C TYR H 18 13.79 -8.51 29.07
N PRO H 19 13.16 -9.66 28.86
CA PRO H 19 13.54 -10.52 27.71
C PRO H 19 13.18 -9.87 26.39
N GLY H 20 14.14 -9.85 25.47
CA GLY H 20 13.97 -9.22 24.18
C GLY H 20 14.47 -7.79 24.11
N LEU H 21 14.58 -7.12 25.24
CA LEU H 21 15.06 -5.74 25.33
C LEU H 21 16.58 -5.79 25.40
N VAL H 22 17.23 -5.66 24.24
CA VAL H 22 18.65 -5.89 24.14
C VAL H 22 19.25 -4.86 23.18
N TRP H 23 20.56 -4.70 23.27
CA TRP H 23 21.31 -3.82 22.37
C TRP H 23 21.63 -4.57 21.09
N GLU H 24 21.79 -3.80 20.01
CA GLU H 24 22.16 -4.36 18.72
C GLU H 24 23.62 -4.12 18.34
N ASN H 25 24.25 -3.08 18.88
CA ASN H 25 25.64 -2.76 18.58
C ASN H 25 26.40 -2.56 19.88
N GLU H 26 27.72 -2.82 19.83
CA GLU H 26 28.53 -2.60 21.03
C GLU H 26 28.58 -1.13 21.42
N GLU H 27 28.25 -0.23 20.49
CA GLU H 27 28.14 1.19 20.81
C GLU H 27 27.01 1.51 21.77
N LYS H 28 26.09 0.58 22.01
CA LYS H 28 24.92 0.80 22.84
C LYS H 28 24.15 2.06 22.36
N SER H 29 23.84 2.09 21.07
CA SER H 29 23.05 3.16 20.49
C SER H 29 21.85 2.68 19.70
N ILE H 30 21.73 1.38 19.42
CA ILE H 30 20.60 0.79 18.71
C ILE H 30 20.12 -0.41 19.50
N PHE H 31 18.80 -0.49 19.73
CA PHE H 31 18.26 -1.56 20.55
C PHE H 31 16.94 -2.05 19.97
N ARG H 32 16.60 -3.29 20.34
CA ARG H 32 15.33 -3.92 20.01
C ARG H 32 14.38 -3.83 21.18
N ILE H 33 13.08 -3.68 20.87
CA ILE H 33 12.03 -3.69 21.88
C ILE H 33 10.89 -4.57 21.39
N PRO H 34 10.58 -5.68 22.07
CA PRO H 34 9.52 -6.58 21.59
C PRO H 34 8.18 -5.85 21.50
N TRP H 35 7.41 -6.19 20.47
CA TRP H 35 6.15 -5.49 20.19
C TRP H 35 5.13 -6.50 19.67
N LYS H 36 4.51 -7.24 20.60
CA LYS H 36 3.53 -8.25 20.26
C LYS H 36 2.12 -7.70 20.47
N HIS H 37 1.23 -8.01 19.53
CA HIS H 37 -0.16 -7.64 19.68
C HIS H 37 -0.74 -8.42 20.86
N ALA H 38 -1.44 -7.72 21.74
CA ALA H 38 -2.11 -8.42 22.83
C ALA H 38 -3.23 -9.29 22.28
N GLY H 39 -3.63 -10.27 23.07
CA GLY H 39 -4.84 -10.99 22.79
C GLY H 39 -6.00 -10.38 23.55
N LYS H 40 -7.21 -10.58 23.06
CA LYS H 40 -8.38 -10.09 23.82
C LYS H 40 -8.07 -10.81 25.13
N GLN H 41 -7.97 -10.08 26.25
CA GLN H 41 -7.98 -10.62 27.65
C GLN H 41 -6.82 -11.59 27.54
N ASP H 42 -5.63 -11.21 27.22
CA ASP H 42 -4.39 -11.96 27.52
C ASP H 42 -3.22 -11.04 27.16
N TYR H 43 -2.31 -10.81 28.09
CA TYR H 43 -1.10 -10.04 27.81
C TYR H 43 0.15 -10.80 28.24
N ASN H 44 0.05 -12.12 28.44
CA ASN H 44 1.22 -12.93 28.77
C ASN H 44 2.05 -13.24 27.53
N ARG H 45 1.40 -13.32 26.36
CA ARG H 45 2.13 -13.47 25.11
C ARG H 45 3.14 -12.34 24.91
N GLU H 46 2.83 -11.16 25.44
CA GLU H 46 3.77 -10.04 25.43
C GLU H 46 4.81 -10.24 26.51
N GLU H 47 6.05 -10.54 26.12
CA GLU H 47 7.11 -10.60 27.11
C GLU H 47 7.50 -9.23 27.63
N ASP H 48 6.90 -8.17 27.09
CA ASP H 48 7.20 -6.82 27.48
C ASP H 48 6.21 -6.23 28.46
N ALA H 49 5.18 -6.98 28.86
CA ALA H 49 4.19 -6.42 29.77
C ALA H 49 4.85 -5.80 30.98
N ALA H 50 5.92 -6.43 31.48
CA ALA H 50 6.65 -5.90 32.62
C ALA H 50 7.17 -4.49 32.33
N LEU H 51 7.59 -4.22 31.09
CA LEU H 51 8.19 -2.92 30.79
C LEU H 51 7.14 -1.81 30.76
N PHE H 52 5.97 -2.10 30.20
CA PHE H 52 4.88 -1.14 30.26
C PHE H 52 4.46 -0.86 31.69
N LYS H 53 4.37 -1.92 32.52
CA LYS H 53 4.01 -1.71 33.91
C LYS H 53 5.07 -0.89 34.65
N ALA H 54 6.35 -1.15 34.35
CA ALA H 54 7.44 -0.40 34.97
C ALA H 54 7.37 1.08 34.62
N TRP H 55 7.04 1.39 33.35
CA TRP H 55 6.90 2.80 32.99
C TRP H 55 5.70 3.42 33.68
N ALA H 56 4.61 2.67 33.85
CA ALA H 56 3.45 3.20 34.57
C ALA H 56 3.79 3.48 36.04
N LEU H 57 4.64 2.64 36.64
CA LEU H 57 5.05 2.86 38.02
C LEU H 57 5.99 4.06 38.14
N PHE H 58 7.09 4.05 37.36
CA PHE H 58 8.15 5.05 37.50
C PHE H 58 7.63 6.48 37.39
N LYS H 59 6.64 6.71 36.52
CA LYS H 59 6.03 8.02 36.41
C LYS H 59 4.83 8.19 37.33
N GLY H 60 4.62 7.25 38.24
CA GLY H 60 3.55 7.33 39.22
C GLY H 60 2.15 7.29 38.65
N LYS H 61 1.96 6.87 37.40
CA LYS H 61 0.62 6.84 36.82
C LYS H 61 -0.19 5.63 37.25
N PHE H 62 0.32 4.81 38.17
CA PHE H 62 -0.37 3.60 38.61
C PHE H 62 0.21 3.17 39.95
N ARG H 63 -0.61 3.20 41.00
CA ARG H 63 -0.21 2.69 42.32
C ARG H 63 -0.73 1.28 42.51
N GLU H 64 0.16 0.37 42.91
CA GLU H 64 -0.26 -1.02 43.08
C GLU H 64 -1.23 -1.15 44.24
N GLY H 65 -2.23 -2.01 44.06
CA GLY H 65 -3.27 -2.22 45.03
C GLY H 65 -4.31 -1.11 45.11
N ILE H 66 -4.06 0.03 44.49
CA ILE H 66 -4.98 1.16 44.55
C ILE H 66 -5.80 1.26 43.27
N ASP H 67 -5.19 1.01 42.12
CA ASP H 67 -5.84 1.19 40.83
C ASP H 67 -5.95 -0.15 40.11
N LYS H 68 -6.79 -0.16 39.05
CA LYS H 68 -7.04 -1.35 38.24
C LYS H 68 -6.02 -1.43 37.12
N PRO H 69 -5.39 -2.59 36.90
CA PRO H 69 -4.39 -2.67 35.84
C PRO H 69 -5.02 -2.57 34.46
N ASP H 70 -4.32 -1.90 33.55
CA ASP H 70 -4.79 -1.70 32.18
C ASP H 70 -3.58 -1.70 31.26
N PRO H 71 -3.14 -2.87 30.80
CA PRO H 71 -1.93 -2.96 29.96
C PRO H 71 -2.07 -2.28 28.60
N PRO H 72 -3.25 -2.32 27.94
CA PRO H 72 -3.38 -1.55 26.69
C PRO H 72 -2.96 -0.09 26.83
N THR H 73 -3.46 0.62 27.84
CA THR H 73 -3.11 2.02 27.98
C THR H 73 -1.63 2.19 28.33
N TRP H 74 -1.05 1.26 29.08
CA TRP H 74 0.38 1.34 29.37
C TRP H 74 1.20 1.27 28.10
N LYS H 75 0.88 0.27 27.25
CA LYS H 75 1.52 0.15 25.95
C LYS H 75 1.34 1.42 25.11
N ARG H 76 0.12 1.96 25.09
CA ARG H 76 -0.14 3.18 24.33
C ARG H 76 0.74 4.33 24.81
N ARG H 77 0.81 4.53 26.13
CA ARG H 77 1.60 5.62 26.67
C ARG H 77 3.07 5.48 26.28
N LEU H 78 3.64 4.29 26.45
CA LEU H 78 5.05 4.13 26.11
C LEU H 78 5.28 4.31 24.61
N ARG H 79 4.33 3.86 23.78
CA ARG H 79 4.48 4.05 22.34
C ARG H 79 4.47 5.52 21.97
N CYS H 80 3.47 6.27 22.47
CA CYS H 80 3.41 7.71 22.22
C CYS H 80 4.68 8.40 22.69
N ALA H 81 5.17 8.02 23.88
CA ALA H 81 6.37 8.63 24.42
C ALA H 81 7.55 8.42 23.48
N LEU H 82 7.76 7.17 23.05
CA LEU H 82 8.87 6.90 22.15
C LEU H 82 8.69 7.64 20.82
N ASN H 83 7.45 7.77 20.34
CA ASN H 83 7.25 8.33 19.01
C ASN H 83 7.44 9.84 19.00
N LYS H 84 7.04 10.54 20.06
CA LYS H 84 7.20 11.98 20.08
C LYS H 84 8.54 12.45 20.64
N SER H 85 9.32 11.57 21.28
CA SER H 85 10.60 12.00 21.80
C SER H 85 11.61 12.16 20.66
N ASN H 86 12.50 13.13 20.82
CA ASN H 86 13.54 13.36 19.83
C ASN H 86 14.82 12.61 20.14
N ASP H 87 14.94 12.08 21.35
CA ASP H 87 16.10 11.28 21.72
C ASP H 87 16.01 9.86 21.18
N PHE H 88 14.86 9.49 20.61
CA PHE H 88 14.65 8.14 20.07
C PHE H 88 14.13 8.27 18.65
N GLU H 89 14.77 7.58 17.72
CA GLU H 89 14.36 7.59 16.33
C GLU H 89 14.31 6.16 15.84
N GLU H 90 13.17 5.76 15.27
CA GLU H 90 12.97 4.38 14.87
C GLU H 90 13.75 4.07 13.60
N LEU H 91 14.46 2.94 13.60
CA LEU H 91 15.06 2.41 12.37
C LEU H 91 14.03 1.48 11.72
N VAL H 92 13.01 2.14 11.14
CA VAL H 92 11.84 1.44 10.62
C VAL H 92 12.23 0.33 9.65
N GLU H 93 13.30 0.52 8.88
CA GLU H 93 13.75 -0.51 7.96
C GLU H 93 14.27 -1.76 8.68
N ARG H 94 14.65 -1.63 9.95
CA ARG H 94 15.16 -2.76 10.72
C ARG H 94 14.08 -3.49 11.51
N SER H 95 12.98 -2.82 11.85
CA SER H 95 11.94 -3.42 12.68
C SER H 95 11.37 -4.66 12.03
N GLN H 96 11.01 -5.63 12.88
CA GLN H 96 10.49 -6.93 12.45
C GLN H 96 9.14 -7.15 13.13
N LEU H 97 8.10 -6.50 12.61
CA LEU H 97 6.76 -6.67 13.17
C LEU H 97 6.05 -7.90 12.64
N ASP H 98 6.62 -8.56 11.63
CA ASP H 98 5.94 -9.59 10.85
C ASP H 98 6.18 -11.01 11.37
N ILE H 99 7.11 -11.20 12.31
CA ILE H 99 7.58 -12.51 12.65
C ILE H 99 7.06 -12.91 14.03
N SER H 100 7.23 -14.19 14.35
CA SER H 100 7.04 -14.63 15.73
C SER H 100 8.09 -13.99 16.61
N ASP H 101 7.67 -13.52 17.79
CA ASP H 101 8.42 -12.58 18.61
C ASP H 101 8.72 -11.37 17.73
N PRO H 102 7.75 -10.48 17.57
CA PRO H 102 8.00 -9.26 16.82
C PRO H 102 8.69 -8.22 17.69
N TYR H 103 9.29 -7.23 17.03
CA TYR H 103 9.97 -6.17 17.76
C TYR H 103 10.21 -5.00 16.83
N LYS H 104 10.43 -3.83 17.44
CA LYS H 104 10.92 -2.66 16.74
C LYS H 104 12.38 -2.41 17.07
N VAL H 105 13.01 -1.55 16.26
CA VAL H 105 14.41 -1.20 16.40
C VAL H 105 14.52 0.32 16.50
N TYR H 106 15.08 0.80 17.62
CA TYR H 106 15.20 2.23 17.89
C TYR H 106 16.67 2.60 18.05
N ARG H 107 17.06 3.72 17.46
CA ARG H 107 18.37 4.31 17.66
C ARG H 107 18.24 5.48 18.64
N ILE H 108 19.19 5.55 19.58
CA ILE H 108 19.21 6.60 20.60
C ILE H 108 20.06 7.74 20.05
N VAL H 109 19.39 8.73 19.47
CA VAL H 109 20.05 9.94 18.99
C VAL H 109 20.39 10.81 20.18
N PRO H 110 21.65 11.21 20.34
CA PRO H 110 22.03 12.07 21.47
C PRO H 110 21.77 13.54 21.18
N GLU H 111 21.55 14.30 22.25
CA GLU H 111 21.14 15.71 22.16
C GLU H 111 22.20 16.65 22.71
#